data_8DPE
#
_entry.id   8DPE
#
_cell.length_a   42.917
_cell.length_b   73.268
_cell.length_c   134.041
_cell.angle_alpha   90.000
_cell.angle_beta   90.000
_cell.angle_gamma   90.000
#
_symmetry.space_group_name_H-M   'P 21 21 21'
#
loop_
_entity.id
_entity.type
_entity.pdbx_description
1 polymer 'ATP-dependent RNA helicase DDX42'
2 water water
#
_entity_poly.entity_id   1
_entity_poly.type   'polypeptide(L)'
_entity_poly.pdbx_seq_one_letter_code
;MGHHHHHHPPFEKNFYNEHEEITNLTPQQLIDLRHKLNLRVSGAAPPRPGSSFAHFGFDEQLMHQIRKSEYTQPTPIQCQ
GVPVALSGRDMIGIAKTGSGKTAAFIWPMLIHIMDQKELEPGDGPIAVIVCPTRELCQQIHAECKRFGKAYNLRSVAVYG
GGSMWEQAKALQEGAEIVVCTPGRLIDHVKKKATNLQRVSYLVFDEADRMFDMGFEYQVRSIASHVRPDRQTLLFSATFR
KKIEKLARDILIDPIRVVQGDIGEANEDVTQIVEILHSGPSKWNWLTRRLVEFTSSGSVLLFVTKKANAEELANNLKQEG
HNLGLLHGDMDQSERNKVISDFKKKDIPVLVATDVAARGLDIPSIKTVINYDVARDIDTHTHRIGRTGRAGEKGVAYTLL
TPKDSNFAGDLVRNLEGANQHVSKELLDLAMQNAWFRKSRFKGG
;
_entity_poly.pdbx_strand_id   A
#
# COMPACT_ATOMS: atom_id res chain seq x y z
N HIS A 5 -28.21 -12.94 8.52
CA HIS A 5 -27.57 -13.23 9.80
C HIS A 5 -26.18 -13.80 9.61
N HIS A 6 -25.76 -13.97 8.36
CA HIS A 6 -24.43 -14.50 8.07
C HIS A 6 -23.40 -13.40 7.92
N HIS A 7 -23.85 -12.15 7.84
CA HIS A 7 -22.96 -11.04 7.55
C HIS A 7 -22.99 -9.93 8.60
N HIS A 8 -22.16 -8.92 8.38
CA HIS A 8 -22.28 -7.65 9.09
C HIS A 8 -23.21 -6.78 8.27
N PRO A 9 -23.88 -5.80 8.93
CA PRO A 9 -24.78 -4.91 8.20
C PRO A 9 -24.08 -4.19 7.05
N PRO A 10 -24.79 -3.99 5.93
CA PRO A 10 -24.17 -3.32 4.78
C PRO A 10 -24.06 -1.83 5.04
N PHE A 11 -23.07 -1.22 4.39
CA PHE A 11 -22.89 0.22 4.48
C PHE A 11 -22.30 0.70 3.15
N GLU A 12 -22.47 1.99 2.88
CA GLU A 12 -21.91 2.60 1.71
C GLU A 12 -20.56 3.25 1.97
N LYS A 13 -19.70 3.24 0.95
CA LYS A 13 -18.37 3.88 1.00
C LYS A 13 -18.22 5.02 0.01
N ASN A 14 -18.93 4.94 -1.11
CA ASN A 14 -18.70 5.88 -2.20
C ASN A 14 -19.73 7.00 -2.21
N PHE A 15 -19.27 8.19 -1.86
CA PHE A 15 -20.15 9.35 -1.77
C PHE A 15 -19.71 10.46 -2.71
N TYR A 16 -18.86 10.10 -3.64
CA TYR A 16 -18.20 11.09 -4.46
C TYR A 16 -18.87 11.30 -5.81
N ASN A 17 -19.06 12.57 -6.15
CA ASN A 17 -19.52 12.94 -7.47
C ASN A 17 -18.50 13.88 -8.04
N GLU A 18 -17.70 13.39 -8.98
CA GLU A 18 -16.66 14.19 -9.59
C GLU A 18 -17.21 15.47 -10.25
N HIS A 19 -16.58 16.58 -9.93
CA HIS A 19 -16.95 17.88 -10.50
C HIS A 19 -16.61 17.90 -12.00
N GLU A 20 -17.45 18.55 -12.81
CA GLU A 20 -17.22 18.58 -14.24
C GLU A 20 -15.88 19.21 -14.61
N GLU A 21 -15.39 20.15 -13.80
CA GLU A 21 -14.12 20.79 -14.14
C GLU A 21 -12.98 19.79 -14.08
N ILE A 22 -13.16 18.79 -13.22
CA ILE A 22 -12.15 17.75 -13.05
C ILE A 22 -12.33 16.64 -14.08
N THR A 23 -13.57 16.27 -14.35
CA THR A 23 -13.87 15.30 -15.39
C THR A 23 -13.35 15.81 -16.73
N ASN A 24 -13.38 17.11 -16.93
CA ASN A 24 -13.05 17.72 -18.22
C ASN A 24 -11.54 17.90 -18.47
N LEU A 25 -10.72 17.64 -17.45
CA LEU A 25 -9.26 17.69 -17.63
C LEU A 25 -8.79 16.70 -18.70
N THR A 26 -7.89 17.17 -19.55
CA THR A 26 -7.21 16.27 -20.47
C THR A 26 -6.20 15.46 -19.68
N PRO A 27 -5.71 14.35 -20.27
CA PRO A 27 -4.69 13.59 -19.55
C PRO A 27 -3.44 14.41 -19.18
N GLN A 28 -3.03 15.29 -20.09
CA GLN A 28 -1.89 16.14 -19.82
C GLN A 28 -2.16 17.12 -18.67
N GLN A 29 -3.35 17.72 -18.70
CA GLN A 29 -3.74 18.62 -17.62
C GLN A 29 -3.78 17.92 -16.27
N LEU A 30 -4.26 16.67 -16.25
CA LEU A 30 -4.24 15.90 -15.02
C LEU A 30 -2.80 15.68 -14.51
N ILE A 31 -1.91 15.26 -15.41
CA ILE A 31 -0.50 15.10 -15.06
C ILE A 31 0.07 16.40 -14.49
N ASP A 32 -0.25 17.51 -15.14
CA ASP A 32 0.31 18.79 -14.72
C ASP A 32 -0.32 19.28 -13.42
N LEU A 33 -1.57 18.93 -13.15
CA LEU A 33 -2.20 19.28 -11.88
C LEU A 33 -1.51 18.57 -10.73
N ARG A 34 -1.21 17.28 -10.88
CA ARG A 34 -0.55 16.55 -9.81
C ARG A 34 0.87 17.08 -9.61
N HIS A 35 1.53 17.44 -10.70
CA HIS A 35 2.84 18.07 -10.60
C HIS A 35 2.76 19.39 -9.83
N LYS A 36 1.74 20.19 -10.14
CA LYS A 36 1.53 21.48 -9.50
C LYS A 36 1.27 21.31 -8.01
N LEU A 37 0.59 20.22 -7.67
CA LEU A 37 0.28 19.92 -6.28
C LEU A 37 1.44 19.23 -5.58
N ASN A 38 2.49 18.93 -6.35
CA ASN A 38 3.65 18.19 -5.88
C ASN A 38 3.26 16.85 -5.27
N LEU A 39 2.48 16.08 -6.02
CA LEU A 39 2.00 14.79 -5.56
C LEU A 39 2.38 13.68 -6.51
N ARG A 40 2.81 12.55 -5.96
CA ARG A 40 2.98 11.34 -6.75
C ARG A 40 1.91 10.33 -6.32
N VAL A 41 1.13 9.90 -7.30
CA VAL A 41 -0.03 9.07 -7.03
C VAL A 41 0.07 7.75 -7.77
N SER A 42 -0.22 6.64 -7.08
CA SER A 42 -0.25 5.34 -7.73
C SER A 42 -1.37 4.48 -7.16
N GLY A 43 -1.51 3.26 -7.68
CA GLY A 43 -2.62 2.39 -7.36
C GLY A 43 -3.55 2.19 -8.54
N ALA A 44 -4.52 1.31 -8.39
CA ALA A 44 -5.45 1.02 -9.46
C ALA A 44 -6.52 2.10 -9.55
N ALA A 45 -6.67 2.68 -10.74
CA ALA A 45 -7.73 3.65 -11.04
C ALA A 45 -7.92 4.74 -9.98
N PRO A 46 -6.86 5.53 -9.70
CA PRO A 46 -7.02 6.60 -8.71
C PRO A 46 -8.00 7.65 -9.19
N PRO A 47 -8.85 8.14 -8.28
CA PRO A 47 -9.64 9.31 -8.65
C PRO A 47 -8.75 10.52 -8.93
N ARG A 48 -9.18 11.38 -9.82
CA ARG A 48 -8.46 12.63 -10.06
C ARG A 48 -8.52 13.52 -8.81
N PRO A 49 -7.50 14.35 -8.61
CA PRO A 49 -7.59 15.31 -7.51
C PRO A 49 -8.48 16.49 -7.86
N GLY A 50 -8.96 17.20 -6.87
CA GLY A 50 -9.62 18.47 -7.10
C GLY A 50 -8.65 19.61 -6.80
N SER A 51 -9.12 20.84 -6.88
CA SER A 51 -8.26 21.97 -6.54
C SER A 51 -8.99 23.01 -5.70
N SER A 52 -10.28 22.78 -5.45
CA SER A 52 -11.12 23.71 -4.70
C SER A 52 -12.13 22.97 -3.85
N PHE A 53 -12.64 23.63 -2.81
CA PHE A 53 -13.69 23.01 -2.02
C PHE A 53 -14.92 22.68 -2.87
N ALA A 54 -15.21 23.52 -3.85
CA ALA A 54 -16.33 23.24 -4.75
C ALA A 54 -16.19 21.87 -5.41
N HIS A 55 -14.96 21.46 -5.72
CA HIS A 55 -14.75 20.16 -6.35
C HIS A 55 -15.06 19.00 -5.41
N PHE A 56 -15.02 19.24 -4.10
CA PHE A 56 -15.30 18.18 -3.12
C PHE A 56 -16.81 17.95 -2.96
N GLY A 57 -17.61 18.95 -3.31
CA GLY A 57 -19.05 18.82 -3.23
C GLY A 57 -19.61 18.81 -1.81
N PHE A 58 -18.94 19.52 -0.89
CA PHE A 58 -19.40 19.56 0.51
C PHE A 58 -20.68 20.39 0.62
N ASP A 59 -21.56 20.02 1.54
CA ASP A 59 -22.81 20.80 1.70
C ASP A 59 -22.58 22.06 2.54
N GLU A 60 -23.64 22.82 2.79
CA GLU A 60 -23.48 24.13 3.41
C GLU A 60 -23.11 24.04 4.90
N GLN A 61 -23.57 22.97 5.55
CA GLN A 61 -23.28 22.80 6.97
C GLN A 61 -21.80 22.56 7.20
N LEU A 62 -21.20 21.70 6.38
CA LEU A 62 -19.79 21.40 6.53
C LEU A 62 -18.95 22.61 6.09
N MET A 63 -19.34 23.24 5.00
CA MET A 63 -18.62 24.40 4.51
C MET A 63 -18.63 25.53 5.53
N HIS A 64 -19.73 25.63 6.27
CA HIS A 64 -19.83 26.64 7.33
C HIS A 64 -18.72 26.46 8.35
N GLN A 65 -18.48 25.23 8.77
CA GLN A 65 -17.43 24.94 9.73
C GLN A 65 -16.06 25.13 9.09
N ILE A 66 -15.95 24.78 7.82
CA ILE A 66 -14.70 24.94 7.08
C ILE A 66 -14.39 26.41 6.85
N ARG A 67 -15.41 27.26 6.75
CA ARG A 67 -15.16 28.67 6.51
C ARG A 67 -14.76 29.39 7.80
N LYS A 68 -15.10 28.77 8.95
CA LYS A 68 -14.72 29.23 10.33
C LYS A 68 -13.26 28.83 10.49
N SER A 69 -12.94 27.77 9.77
CA SER A 69 -11.62 27.21 9.60
C SER A 69 -10.94 28.45 9.13
N GLU A 70 -9.62 28.57 8.98
CA GLU A 70 -8.50 27.66 9.19
C GLU A 70 -7.98 27.07 7.85
N TYR A 71 -8.77 27.27 6.80
CA TYR A 71 -8.42 26.83 5.45
C TYR A 71 -9.06 27.84 4.52
N THR A 72 -8.28 28.41 3.63
CA THR A 72 -8.82 29.40 2.69
C THR A 72 -9.01 28.80 1.32
N GLN A 73 -8.29 27.68 1.10
CA GLN A 73 -8.34 26.77 -0.07
C GLN A 73 -7.79 25.43 0.42
N PRO A 74 -8.15 24.32 -0.32
CA PRO A 74 -7.59 23.06 0.18
C PRO A 74 -6.08 22.87 0.03
N THR A 75 -5.48 22.17 0.94
CA THR A 75 -4.06 21.82 0.82
C THR A 75 -3.87 20.69 -0.21
N PRO A 76 -2.64 20.49 -0.72
CA PRO A 76 -2.47 19.44 -1.72
C PRO A 76 -2.93 18.03 -1.28
N ILE A 77 -2.63 17.64 -0.04
CA ILE A 77 -3.01 16.31 0.42
C ILE A 77 -4.55 16.22 0.51
N GLN A 78 -5.20 17.34 0.78
CA GLN A 78 -6.66 17.37 0.75
C GLN A 78 -7.17 17.25 -0.69
N CYS A 79 -6.54 17.98 -1.60
CA CYS A 79 -6.95 17.98 -3.01
C CYS A 79 -7.05 16.58 -3.59
N GLN A 80 -6.08 15.73 -3.27
CA GLN A 80 -6.09 14.36 -3.77
C GLN A 80 -6.71 13.37 -2.79
N GLY A 81 -6.44 13.53 -1.50
CA GLY A 81 -6.92 12.59 -0.50
C GLY A 81 -8.43 12.62 -0.28
N VAL A 82 -9.03 13.80 -0.37
CA VAL A 82 -10.48 13.86 -0.17
C VAL A 82 -11.24 13.09 -1.29
N PRO A 83 -10.89 13.30 -2.58
CA PRO A 83 -11.56 12.45 -3.58
C PRO A 83 -11.29 10.94 -3.43
N VAL A 84 -10.09 10.55 -2.99
CA VAL A 84 -9.81 9.15 -2.74
C VAL A 84 -10.75 8.61 -1.65
N ALA A 85 -10.84 9.34 -0.55
CA ALA A 85 -11.59 8.85 0.59
C ALA A 85 -13.10 8.93 0.32
N LEU A 86 -13.55 10.02 -0.30
CA LEU A 86 -14.98 10.13 -0.66
C LEU A 86 -15.43 9.04 -1.62
N SER A 87 -14.52 8.61 -2.50
CA SER A 87 -14.79 7.54 -3.45
C SER A 87 -14.86 6.18 -2.78
N GLY A 88 -14.57 6.12 -1.49
CA GLY A 88 -14.63 4.88 -0.75
C GLY A 88 -13.36 4.04 -0.84
N ARG A 89 -12.31 4.58 -1.43
CA ARG A 89 -11.07 3.84 -1.57
C ARG A 89 -10.21 3.86 -0.32
N ASP A 90 -9.46 2.78 -0.10
CA ASP A 90 -8.41 2.81 0.91
C ASP A 90 -7.29 3.75 0.44
N MET A 91 -6.46 4.20 1.36
CA MET A 91 -5.44 5.17 1.02
C MET A 91 -4.20 5.03 1.88
N ILE A 92 -3.04 5.16 1.25
CA ILE A 92 -1.77 5.40 1.94
C ILE A 92 -1.35 6.82 1.65
N GLY A 93 -1.33 7.67 2.67
CA GLY A 93 -0.88 9.02 2.51
C GLY A 93 0.51 9.15 3.08
N ILE A 94 1.50 9.34 2.21
CA ILE A 94 2.85 9.62 2.69
C ILE A 94 3.03 11.13 2.72
N ALA A 95 2.92 11.69 3.92
CA ALA A 95 2.84 13.13 4.12
C ALA A 95 3.22 13.51 5.55
N LYS A 96 3.70 14.74 5.73
CA LYS A 96 4.17 15.19 7.02
C LYS A 96 3.15 16.04 7.77
N THR A 97 3.37 16.26 9.03
CA THR A 97 2.55 17.11 9.81
C THR A 97 2.80 18.52 9.22
N GLY A 98 1.85 19.41 9.21
CA GLY A 98 0.49 19.15 9.56
C GLY A 98 -0.27 19.40 8.28
N SER A 99 0.36 19.11 7.14
CA SER A 99 -0.11 19.24 5.77
C SER A 99 -1.59 19.31 5.53
N GLY A 100 -2.38 19.37 6.56
CA GLY A 100 -3.82 19.36 6.37
C GLY A 100 -4.31 17.94 6.23
N LYS A 101 -3.43 16.98 6.51
CA LYS A 101 -3.81 15.58 6.33
C LYS A 101 -4.91 15.18 7.30
N THR A 102 -4.95 15.76 8.50
CA THR A 102 -5.98 15.35 9.46
C THR A 102 -7.37 15.67 8.91
N ALA A 103 -7.55 16.88 8.37
CA ALA A 103 -8.84 17.23 7.76
C ALA A 103 -9.10 16.38 6.53
N ALA A 104 -8.03 16.01 5.83
CA ALA A 104 -8.18 15.15 4.65
C ALA A 104 -8.89 13.85 4.98
N PHE A 105 -8.66 13.28 6.16
CA PHE A 105 -9.39 12.07 6.49
C PHE A 105 -10.61 12.35 7.38
N ILE A 106 -10.65 13.49 8.06
CA ILE A 106 -11.82 13.81 8.88
C ILE A 106 -13.05 14.19 8.04
N TRP A 107 -12.89 15.06 7.05
CA TRP A 107 -14.08 15.49 6.30
C TRP A 107 -14.81 14.30 5.64
N PRO A 108 -14.08 13.40 4.93
CA PRO A 108 -14.81 12.26 4.36
C PRO A 108 -15.41 11.33 5.41
N MET A 109 -14.76 11.24 6.56
CA MET A 109 -15.26 10.45 7.68
C MET A 109 -16.66 10.92 8.07
N LEU A 110 -16.83 12.24 8.15
CA LEU A 110 -18.12 12.81 8.56
C LEU A 110 -19.22 12.42 7.56
N ILE A 111 -18.91 12.55 6.27
CA ILE A 111 -19.83 12.18 5.21
C ILE A 111 -20.18 10.70 5.28
N HIS A 112 -19.18 9.86 5.50
CA HIS A 112 -19.37 8.43 5.63
C HIS A 112 -20.33 8.09 6.78
N ILE A 113 -20.10 8.72 7.93
CA ILE A 113 -20.95 8.48 9.10
C ILE A 113 -22.39 8.92 8.86
N MET A 114 -22.55 10.07 8.22
CA MET A 114 -23.87 10.65 7.99
C MET A 114 -24.79 9.77 7.18
N ASP A 115 -24.22 8.86 6.39
CA ASP A 115 -25.06 7.99 5.56
C ASP A 115 -25.69 6.84 6.35
N GLN A 116 -25.16 6.54 7.52
CA GLN A 116 -25.60 5.36 8.25
C GLN A 116 -26.72 5.61 9.25
N LYS A 117 -27.33 4.52 9.70
CA LYS A 117 -28.28 4.58 10.82
C LYS A 117 -27.63 5.26 11.99
N GLU A 118 -28.40 6.01 12.77
CA GLU A 118 -27.86 6.63 13.97
C GLU A 118 -27.53 5.58 15.02
N LEU A 119 -26.77 5.97 16.03
CA LEU A 119 -26.35 5.03 17.06
C LEU A 119 -27.53 4.57 17.91
N GLU A 120 -27.60 3.26 18.13
CA GLU A 120 -28.55 2.65 19.06
C GLU A 120 -27.81 2.40 20.37
N PRO A 121 -28.55 2.31 21.48
CA PRO A 121 -27.90 1.96 22.75
C PRO A 121 -27.10 0.67 22.60
N GLY A 122 -25.84 0.69 23.02
CA GLY A 122 -24.97 -0.46 22.86
C GLY A 122 -24.07 -0.39 21.63
N ASP A 123 -24.38 0.52 20.72
CA ASP A 123 -23.56 0.68 19.51
C ASP A 123 -22.20 1.31 19.79
N GLY A 124 -21.15 0.69 19.25
CA GLY A 124 -19.83 1.29 19.26
C GLY A 124 -19.69 2.32 18.14
N PRO A 125 -18.50 2.94 18.02
CA PRO A 125 -18.24 3.98 17.02
C PRO A 125 -18.35 3.47 15.59
N ILE A 126 -18.66 4.38 14.68
CA ILE A 126 -18.66 4.07 13.26
C ILE A 126 -17.26 4.29 12.69
N ALA A 127 -16.56 5.28 13.23
CA ALA A 127 -15.20 5.58 12.80
C ALA A 127 -14.24 5.56 13.96
N VAL A 128 -13.06 5.00 13.74
CA VAL A 128 -12.00 5.01 14.74
C VAL A 128 -10.75 5.60 14.10
N ILE A 129 -10.14 6.56 14.80
CA ILE A 129 -8.85 7.11 14.40
C ILE A 129 -7.81 6.72 15.45
N VAL A 130 -6.79 6.00 15.00
CA VAL A 130 -5.74 5.50 15.89
C VAL A 130 -4.46 6.34 15.77
N CYS A 131 -3.93 6.76 16.92
CA CYS A 131 -2.87 7.77 17.05
C CYS A 131 -1.75 7.23 17.92
N PRO A 132 -0.52 7.70 17.71
CA PRO A 132 0.56 7.28 18.63
C PRO A 132 0.53 7.93 20.02
N THR A 133 0.02 9.15 20.14
CA THR A 133 0.17 9.88 21.41
C THR A 133 -1.10 10.54 21.92
N ARG A 134 -1.15 10.77 23.23
CA ARG A 134 -2.25 11.53 23.84
C ARG A 134 -2.32 12.90 23.19
N GLU A 135 -1.15 13.49 22.98
CA GLU A 135 -1.08 14.82 22.42
C GLU A 135 -1.79 14.91 21.06
N LEU A 136 -1.47 13.98 20.17
CA LEU A 136 -2.09 13.99 18.83
C LEU A 136 -3.57 13.64 18.93
N CYS A 137 -3.89 12.70 19.81
CA CYS A 137 -5.29 12.33 20.08
C CYS A 137 -6.10 13.56 20.39
N GLN A 138 -5.58 14.42 21.25
CA GLN A 138 -6.33 15.58 21.70
C GLN A 138 -6.50 16.60 20.56
N GLN A 139 -5.45 16.78 19.76
CA GLN A 139 -5.53 17.66 18.59
C GLN A 139 -6.55 17.14 17.58
N ILE A 140 -6.48 15.85 17.29
CA ILE A 140 -7.39 15.26 16.30
C ILE A 140 -8.81 15.30 16.83
N HIS A 141 -8.96 15.04 18.13
CA HIS A 141 -10.27 15.09 18.76
C HIS A 141 -10.85 16.49 18.66
N ALA A 142 -10.01 17.51 18.86
CA ALA A 142 -10.46 18.90 18.76
C ALA A 142 -10.96 19.19 17.35
N GLU A 143 -10.29 18.63 16.35
CA GLU A 143 -10.72 18.88 14.98
C GLU A 143 -12.01 18.14 14.68
N CYS A 144 -12.14 16.92 15.18
CA CYS A 144 -13.35 16.14 15.03
C CYS A 144 -14.55 16.81 15.65
N LYS A 145 -14.37 17.44 16.80
CA LYS A 145 -15.51 18.11 17.43
C LYS A 145 -15.85 19.38 16.66
N ARG A 146 -14.84 20.09 16.16
CA ARG A 146 -15.10 21.30 15.38
C ARG A 146 -15.90 21.02 14.12
N PHE A 147 -15.37 20.14 13.27
CA PHE A 147 -16.02 19.88 11.99
C PHE A 147 -17.27 19.01 12.16
N GLY A 148 -17.20 18.11 13.13
CA GLY A 148 -18.30 17.19 13.39
C GLY A 148 -19.56 17.89 13.85
N LYS A 149 -19.42 19.12 14.36
CA LYS A 149 -20.56 19.92 14.79
C LYS A 149 -21.47 20.23 13.61
N ALA A 150 -20.91 20.24 12.40
CA ALA A 150 -21.72 20.43 11.19
C ALA A 150 -22.89 19.46 11.13
N TYR A 151 -22.70 18.28 11.70
CA TYR A 151 -23.71 17.23 11.68
C TYR A 151 -24.08 16.72 13.08
N ASN A 152 -23.70 17.48 14.10
CA ASN A 152 -23.91 17.09 15.50
C ASN A 152 -23.41 15.69 15.81
N LEU A 153 -22.21 15.38 15.33
CA LEU A 153 -21.60 14.09 15.61
C LEU A 153 -20.80 14.20 16.90
N ARG A 154 -20.73 13.10 17.64
CA ARG A 154 -20.01 13.06 18.91
C ARG A 154 -18.70 12.31 18.78
N SER A 155 -17.64 12.88 19.34
CA SER A 155 -16.33 12.24 19.35
C SER A 155 -15.87 12.05 20.78
N VAL A 156 -15.22 10.94 21.05
CA VAL A 156 -14.64 10.68 22.36
C VAL A 156 -13.16 10.29 22.15
N ALA A 157 -12.29 10.82 22.99
CA ALA A 157 -10.87 10.50 22.93
C ALA A 157 -10.49 9.54 24.06
N VAL A 158 -9.88 8.41 23.72
CA VAL A 158 -9.40 7.52 24.77
C VAL A 158 -7.92 7.23 24.54
N TYR A 159 -7.09 7.67 25.48
CA TYR A 159 -5.65 7.55 25.31
C TYR A 159 -4.97 7.12 26.60
N GLY A 160 -3.80 6.52 26.45
CA GLY A 160 -2.97 6.22 27.61
C GLY A 160 -2.62 7.50 28.32
N GLY A 161 -2.50 7.44 29.64
CA GLY A 161 -2.16 8.62 30.40
C GLY A 161 -3.39 9.44 30.75
N GLY A 162 -4.55 8.93 30.37
CA GLY A 162 -5.81 9.57 30.71
C GLY A 162 -6.66 8.67 31.59
N SER A 163 -7.64 9.26 32.27
CA SER A 163 -8.48 8.50 33.21
C SER A 163 -9.24 7.38 32.54
N MET A 164 -8.93 6.16 32.95
CA MET A 164 -9.59 4.99 32.42
C MET A 164 -11.11 5.03 32.64
N TRP A 165 -11.52 5.58 33.77
CA TRP A 165 -12.91 5.47 34.17
C TRP A 165 -13.76 6.60 33.60
N GLU A 166 -13.19 7.78 33.43
CA GLU A 166 -13.90 8.84 32.73
C GLU A 166 -14.05 8.48 31.25
N GLN A 167 -13.00 7.90 30.66
CA GLN A 167 -13.08 7.44 29.29
C GLN A 167 -14.14 6.36 29.11
N ALA A 168 -14.19 5.43 30.07
CA ALA A 168 -15.17 4.37 30.01
C ALA A 168 -16.59 4.95 30.03
N LYS A 169 -16.81 5.93 30.90
CA LYS A 169 -18.12 6.57 31.00
C LYS A 169 -18.49 7.31 29.71
N ALA A 170 -17.54 8.03 29.12
CA ALA A 170 -17.79 8.76 27.87
C ALA A 170 -18.12 7.79 26.73
N LEU A 171 -17.41 6.67 26.68
CA LEU A 171 -17.68 5.65 25.67
C LEU A 171 -19.07 5.06 25.85
N GLN A 172 -19.52 4.97 27.10
CA GLN A 172 -20.83 4.41 27.38
C GLN A 172 -21.96 5.35 27.03
N GLU A 173 -21.69 6.65 26.97
CA GLU A 173 -22.70 7.59 26.58
C GLU A 173 -22.96 7.54 25.07
N GLY A 174 -22.00 6.97 24.33
CA GLY A 174 -22.15 6.80 22.90
C GLY A 174 -21.37 7.84 22.11
N ALA A 175 -20.68 7.39 21.06
CA ALA A 175 -19.89 8.25 20.21
C ALA A 175 -19.81 7.66 18.81
N GLU A 176 -19.99 8.49 17.78
CA GLU A 176 -19.86 8.04 16.40
C GLU A 176 -18.38 7.90 16.03
N ILE A 177 -17.57 8.73 16.68
CA ILE A 177 -16.13 8.81 16.42
C ILE A 177 -15.33 8.53 17.69
N VAL A 178 -14.40 7.58 17.62
CA VAL A 178 -13.44 7.41 18.72
C VAL A 178 -12.02 7.66 18.21
N VAL A 179 -11.34 8.62 18.84
CA VAL A 179 -9.93 8.88 18.59
C VAL A 179 -9.15 8.21 19.72
N CYS A 180 -8.11 7.46 19.40
CA CYS A 180 -7.49 6.67 20.46
C CYS A 180 -5.99 6.47 20.28
N THR A 181 -5.36 5.98 21.35
CA THR A 181 -4.07 5.30 21.22
C THR A 181 -4.38 3.81 21.26
N PRO A 182 -3.54 2.99 20.59
CA PRO A 182 -3.93 1.62 20.29
C PRO A 182 -4.20 0.72 21.50
N GLY A 183 -3.31 0.73 22.48
CA GLY A 183 -3.44 -0.19 23.61
C GLY A 183 -4.66 0.13 24.43
N ARG A 184 -4.92 1.42 24.58
CA ARG A 184 -6.05 1.88 25.38
C ARG A 184 -7.40 1.55 24.71
N LEU A 185 -7.48 1.68 23.39
CA LEU A 185 -8.68 1.23 22.70
C LEU A 185 -8.92 -0.25 22.96
N ILE A 186 -7.88 -1.07 22.79
CA ILE A 186 -7.99 -2.51 22.94
C ILE A 186 -8.45 -2.87 24.37
N ASP A 187 -7.94 -2.11 25.33
CA ASP A 187 -8.27 -2.29 26.74
C ASP A 187 -9.77 -2.05 26.97
N HIS A 188 -10.27 -0.92 26.51
CA HIS A 188 -11.69 -0.61 26.61
C HIS A 188 -12.56 -1.64 25.87
N VAL A 189 -12.10 -2.13 24.72
CA VAL A 189 -12.87 -3.13 24.02
C VAL A 189 -12.98 -4.43 24.80
N LYS A 190 -11.85 -4.91 25.33
CA LYS A 190 -11.86 -6.13 26.13
C LYS A 190 -12.73 -5.98 27.38
N LYS A 191 -12.69 -4.78 27.97
CA LYS A 191 -13.53 -4.46 29.11
C LYS A 191 -14.99 -4.20 28.73
N LYS A 192 -15.28 -4.21 27.44
CA LYS A 192 -16.65 -4.01 26.96
C LYS A 192 -17.19 -2.64 27.33
N ALA A 193 -16.31 -1.66 27.42
CA ALA A 193 -16.69 -0.26 27.50
C ALA A 193 -17.21 0.21 26.15
N THR A 194 -16.63 -0.36 25.11
CA THR A 194 -17.09 -0.10 23.76
C THR A 194 -16.88 -1.36 22.93
N ASN A 195 -17.14 -1.30 21.63
CA ASN A 195 -16.90 -2.46 20.79
C ASN A 195 -16.66 -1.96 19.38
N LEU A 196 -16.17 -2.85 18.52
CA LEU A 196 -15.75 -2.44 17.19
C LEU A 196 -16.69 -2.93 16.10
N GLN A 197 -17.85 -3.39 16.50
CA GLN A 197 -18.75 -4.07 15.58
C GLN A 197 -19.39 -3.13 14.55
N ARG A 198 -19.39 -1.83 14.82
CA ARG A 198 -19.93 -0.86 13.86
C ARG A 198 -18.82 -0.06 13.15
N VAL A 199 -17.57 -0.40 13.41
CA VAL A 199 -16.51 0.33 12.74
C VAL A 199 -16.44 0.00 11.26
N SER A 200 -16.64 1.01 10.43
CA SER A 200 -16.57 0.83 8.98
C SER A 200 -15.57 1.80 8.35
N TYR A 201 -15.00 2.70 9.14
CA TYR A 201 -14.06 3.70 8.66
C TYR A 201 -12.93 3.78 9.68
N LEU A 202 -11.73 3.41 9.26
CA LEU A 202 -10.62 3.17 10.18
C LEU A 202 -9.39 3.91 9.71
N VAL A 203 -8.85 4.79 10.54
CA VAL A 203 -7.68 5.58 10.20
C VAL A 203 -6.52 5.24 11.14
N PHE A 204 -5.34 4.98 10.56
CA PHE A 204 -4.11 4.87 11.33
C PHE A 204 -3.24 6.07 10.95
N ASP A 205 -3.10 7.02 11.87
CA ASP A 205 -2.36 8.24 11.61
C ASP A 205 -0.97 8.13 12.23
N GLU A 206 0.03 8.68 11.54
CA GLU A 206 1.44 8.63 11.99
C GLU A 206 1.80 7.19 12.34
N ALA A 207 1.57 6.30 11.39
CA ALA A 207 1.72 4.89 11.59
C ALA A 207 3.19 4.54 11.80
N ASP A 208 4.09 5.31 11.18
CA ASP A 208 5.50 5.07 11.38
C ASP A 208 5.86 5.37 12.82
N ARG A 209 5.33 6.46 13.37
CA ARG A 209 5.56 6.81 14.75
C ARG A 209 5.00 5.74 15.67
N MET A 210 3.84 5.23 15.33
CA MET A 210 3.23 4.16 16.12
C MET A 210 4.11 2.92 16.14
N PHE A 211 4.74 2.59 15.02
CA PHE A 211 5.60 1.42 14.98
C PHE A 211 6.83 1.68 15.84
N ASP A 212 7.38 2.89 15.72
CA ASP A 212 8.60 3.25 16.47
C ASP A 212 8.35 3.23 17.97
N MET A 213 7.13 3.54 18.39
CA MET A 213 6.79 3.57 19.81
C MET A 213 6.35 2.20 20.33
N GLY A 214 6.45 1.16 19.51
CA GLY A 214 6.17 -0.20 19.94
C GLY A 214 4.78 -0.75 19.73
N PHE A 215 3.97 -0.06 18.92
CA PHE A 215 2.55 -0.37 18.81
C PHE A 215 2.14 -1.29 17.66
N GLU A 216 3.09 -1.89 16.94
CA GLU A 216 2.70 -2.65 15.74
C GLU A 216 1.69 -3.76 16.05
N TYR A 217 1.95 -4.51 17.13
CA TYR A 217 1.06 -5.58 17.54
C TYR A 217 -0.36 -5.09 17.84
N GLN A 218 -0.46 -3.93 18.47
CA GLN A 218 -1.76 -3.36 18.81
C GLN A 218 -2.47 -2.86 17.56
N VAL A 219 -1.74 -2.19 16.68
CA VAL A 219 -2.27 -1.76 15.40
C VAL A 219 -2.82 -2.94 14.61
N ARG A 220 -2.05 -4.00 14.51
CA ARG A 220 -2.50 -5.17 13.78
C ARG A 220 -3.70 -5.84 14.44
N SER A 221 -3.77 -5.78 15.77
CA SER A 221 -4.86 -6.43 16.47
C SER A 221 -6.18 -5.72 16.18
N ILE A 222 -6.13 -4.40 16.22
CA ILE A 222 -7.28 -3.56 15.89
C ILE A 222 -7.74 -3.83 14.46
N ALA A 223 -6.80 -3.84 13.51
CA ALA A 223 -7.16 -4.13 12.13
C ALA A 223 -7.81 -5.49 12.01
N SER A 224 -7.34 -6.44 12.81
CA SER A 224 -7.81 -7.82 12.73
C SER A 224 -9.23 -7.96 13.27
N HIS A 225 -9.63 -7.05 14.15
CA HIS A 225 -10.92 -7.20 14.82
C HIS A 225 -11.99 -6.27 14.27
N VAL A 226 -11.59 -5.39 13.34
CA VAL A 226 -12.54 -4.59 12.62
C VAL A 226 -12.90 -5.33 11.34
N ARG A 227 -14.18 -5.25 10.93
CA ARG A 227 -14.68 -5.94 9.74
C ARG A 227 -13.76 -5.69 8.56
N PRO A 228 -13.48 -6.73 7.76
CA PRO A 228 -12.43 -6.62 6.75
C PRO A 228 -12.85 -5.80 5.53
N ASP A 229 -14.14 -5.51 5.41
CA ASP A 229 -14.63 -4.73 4.26
C ASP A 229 -14.78 -3.27 4.63
N ARG A 230 -14.21 -2.90 5.76
CA ARG A 230 -14.09 -1.51 6.18
C ARG A 230 -13.37 -0.66 5.13
N GLN A 231 -13.49 0.65 5.25
CA GLN A 231 -12.58 1.55 4.56
C GLN A 231 -11.42 1.88 5.49
N THR A 232 -10.20 1.76 5.01
CA THR A 232 -9.01 2.00 5.85
C THR A 232 -8.07 3.02 5.22
N LEU A 233 -7.60 3.96 6.04
CA LEU A 233 -6.66 4.99 5.62
C LEU A 233 -5.46 4.90 6.53
N LEU A 234 -4.28 5.04 5.94
CA LEU A 234 -3.00 4.89 6.63
C LEU A 234 -2.11 6.07 6.27
N PHE A 235 -1.59 6.76 7.27
CA PHE A 235 -0.73 7.92 7.02
C PHE A 235 0.61 7.72 7.69
N SER A 236 1.66 8.13 7.00
CA SER A 236 3.01 8.05 7.52
C SER A 236 3.86 9.15 6.88
N ALA A 237 4.86 9.64 7.61
CA ALA A 237 5.71 10.68 7.06
C ALA A 237 6.77 10.07 6.17
N THR A 238 6.99 8.77 6.36
CA THR A 238 8.00 8.03 5.64
C THR A 238 7.41 6.73 5.14
N PHE A 239 8.00 6.16 4.11
CA PHE A 239 7.65 4.81 3.79
C PHE A 239 8.89 3.99 4.03
N ARG A 240 8.70 2.91 4.76
CA ARG A 240 9.76 2.00 5.09
C ARG A 240 9.16 0.63 4.92
N LYS A 241 10.00 -0.39 4.81
CA LYS A 241 9.50 -1.73 4.54
C LYS A 241 8.45 -2.20 5.56
N LYS A 242 8.63 -1.82 6.81
CA LYS A 242 7.67 -2.23 7.84
C LYS A 242 6.27 -1.69 7.56
N ILE A 243 6.18 -0.43 7.18
CA ILE A 243 4.87 0.18 6.94
C ILE A 243 4.28 -0.32 5.62
N GLU A 244 5.14 -0.55 4.62
CA GLU A 244 4.67 -1.10 3.37
C GLU A 244 4.07 -2.48 3.57
N LYS A 245 4.74 -3.30 4.39
CA LYS A 245 4.21 -4.62 4.68
C LYS A 245 2.88 -4.51 5.42
N LEU A 246 2.81 -3.55 6.35
CA LEU A 246 1.56 -3.29 7.07
C LEU A 246 0.43 -2.95 6.08
N ALA A 247 0.70 -2.01 5.18
CA ALA A 247 -0.29 -1.60 4.18
C ALA A 247 -0.80 -2.77 3.35
N ARG A 248 0.09 -3.69 2.97
CA ARG A 248 -0.34 -4.87 2.22
C ARG A 248 -1.29 -5.72 3.05
N ASP A 249 -1.05 -5.71 4.36
CA ASP A 249 -1.81 -6.57 5.26
C ASP A 249 -3.17 -6.00 5.68
N ILE A 250 -3.28 -4.67 5.79
CA ILE A 250 -4.49 -4.09 6.38
C ILE A 250 -5.28 -3.19 5.43
N LEU A 251 -4.79 -3.00 4.21
CA LEU A 251 -5.51 -2.22 3.21
C LEU A 251 -5.89 -3.08 2.02
N ILE A 252 -6.90 -2.65 1.30
CA ILE A 252 -7.30 -3.35 0.10
C ILE A 252 -7.27 -2.37 -1.07
N ASP A 253 -6.44 -2.68 -2.05
CA ASP A 253 -6.26 -1.81 -3.22
C ASP A 253 -6.21 -0.32 -2.93
N PRO A 254 -5.26 0.11 -2.12
CA PRO A 254 -5.24 1.52 -1.76
C PRO A 254 -4.73 2.38 -2.88
N ILE A 255 -5.13 3.64 -2.85
CA ILE A 255 -4.45 4.65 -3.64
C ILE A 255 -3.30 5.22 -2.81
N ARG A 256 -2.09 5.22 -3.37
CA ARG A 256 -0.92 5.74 -2.67
C ARG A 256 -0.72 7.20 -3.08
N VAL A 257 -0.70 8.09 -2.11
CA VAL A 257 -0.56 9.52 -2.32
C VAL A 257 0.69 10.02 -1.57
N VAL A 258 1.69 10.45 -2.33
CA VAL A 258 2.97 10.86 -1.74
C VAL A 258 3.24 12.34 -2.00
N GLN A 259 3.45 13.12 -0.95
CA GLN A 259 3.91 14.49 -1.14
C GLN A 259 5.33 14.46 -1.69
N GLY A 260 5.54 15.19 -2.79
CA GLY A 260 6.72 15.04 -3.62
C GLY A 260 8.09 15.07 -2.97
N ASP A 261 8.31 16.03 -2.07
CA ASP A 261 9.64 16.24 -1.50
C ASP A 261 9.99 15.19 -0.44
N ILE A 262 9.02 14.33 -0.14
CA ILE A 262 9.15 13.29 0.90
C ILE A 262 9.26 11.87 0.43
N GLY A 263 9.47 11.68 -0.86
CA GLY A 263 9.61 10.38 -1.47
C GLY A 263 10.96 10.34 -2.15
N GLU A 264 10.95 10.74 -3.43
CA GLU A 264 12.12 10.70 -4.22
C GLU A 264 12.04 9.98 -5.55
N ALA A 265 12.80 8.88 -5.57
CA ALA A 265 12.90 7.96 -6.68
C ALA A 265 13.85 6.84 -6.29
N GLU A 267 12.33 5.79 -8.35
CA GLU A 267 11.79 5.48 -9.64
C GLU A 267 11.56 4.01 -9.65
N ASP A 268 10.45 3.59 -10.23
CA ASP A 268 10.12 2.19 -10.22
C ASP A 268 10.71 1.37 -11.31
N VAL A 269 11.07 0.17 -10.92
CA VAL A 269 11.65 -0.78 -11.88
C VAL A 269 10.64 -1.19 -12.94
N THR A 270 11.09 -1.23 -14.20
CA THR A 270 10.23 -1.68 -15.29
C THR A 270 10.03 -3.18 -15.18
N GLN A 271 8.79 -3.58 -14.96
CA GLN A 271 8.47 -4.99 -14.83
C GLN A 271 7.71 -5.49 -16.04
N ILE A 272 8.09 -6.69 -16.50
CA ILE A 272 7.37 -7.37 -17.57
C ILE A 272 6.96 -8.73 -17.01
N VAL A 273 5.68 -9.07 -17.12
CA VAL A 273 5.17 -10.32 -16.58
C VAL A 273 4.63 -11.18 -17.72
N GLU A 274 5.09 -12.43 -17.81
CA GLU A 274 4.58 -13.31 -18.85
C GLU A 274 3.95 -14.54 -18.21
N ILE A 275 2.81 -14.96 -18.74
CA ILE A 275 2.12 -16.12 -18.23
C ILE A 275 2.35 -17.26 -19.23
N LEU A 276 3.06 -18.29 -18.78
CA LEU A 276 3.47 -19.39 -19.64
C LEU A 276 2.64 -20.61 -19.36
N HIS A 277 2.78 -21.62 -20.22
CA HIS A 277 2.00 -22.85 -20.14
C HIS A 277 2.18 -23.62 -18.83
N SER A 278 3.44 -23.90 -18.49
CA SER A 278 3.77 -24.69 -17.32
C SER A 278 5.24 -24.50 -17.00
N GLY A 279 5.67 -24.97 -15.83
CA GLY A 279 7.05 -24.81 -15.40
C GLY A 279 8.07 -25.20 -16.45
N PRO A 280 7.93 -26.39 -17.03
CA PRO A 280 8.94 -26.81 -18.02
C PRO A 280 9.00 -25.93 -19.28
N SER A 281 7.93 -25.18 -19.60
CA SER A 281 7.94 -24.36 -20.81
C SER A 281 8.75 -23.07 -20.58
N LYS A 282 9.12 -22.78 -19.34
CA LYS A 282 10.02 -21.65 -19.04
C LYS A 282 11.36 -21.81 -19.74
N TRP A 283 11.78 -23.05 -19.97
CA TRP A 283 13.07 -23.27 -20.58
C TRP A 283 13.14 -22.76 -22.02
N ASN A 284 12.18 -23.15 -22.86
CA ASN A 284 12.14 -22.66 -24.22
C ASN A 284 12.00 -21.14 -24.24
N TRP A 285 11.19 -20.60 -23.33
CA TRP A 285 11.01 -19.16 -23.25
C TRP A 285 12.36 -18.49 -23.10
N LEU A 286 13.14 -19.01 -22.17
CA LEU A 286 14.42 -18.43 -21.82
C LEU A 286 15.45 -18.60 -22.93
N THR A 287 15.55 -19.80 -23.49
CA THR A 287 16.58 -20.01 -24.50
C THR A 287 16.33 -19.16 -25.74
N ARG A 288 15.07 -18.84 -26.04
CA ARG A 288 14.77 -18.01 -27.20
C ARG A 288 15.18 -16.55 -26.99
N ARG A 289 15.36 -16.16 -25.72
CA ARG A 289 15.53 -14.75 -25.38
C ARG A 289 16.88 -14.41 -24.75
N LEU A 290 17.60 -15.40 -24.25
CA LEU A 290 18.73 -15.11 -23.37
C LEU A 290 19.85 -14.37 -24.09
N VAL A 291 20.08 -14.68 -25.37
CA VAL A 291 21.15 -13.98 -26.09
C VAL A 291 20.81 -12.49 -26.24
N GLU A 292 19.58 -12.16 -26.64
CA GLU A 292 19.18 -10.76 -26.73
C GLU A 292 19.37 -10.07 -25.38
N PHE A 293 18.99 -10.73 -24.30
CA PHE A 293 19.16 -10.14 -22.98
C PHE A 293 20.64 -9.86 -22.66
N THR A 294 21.52 -10.81 -22.97
CA THR A 294 22.94 -10.59 -22.66
C THR A 294 23.51 -9.47 -23.51
N SER A 295 22.86 -9.14 -24.63
CA SER A 295 23.33 -8.05 -25.47
C SER A 295 23.08 -6.67 -24.84
N SER A 296 22.25 -6.61 -23.81
CA SER A 296 22.03 -5.36 -23.08
C SER A 296 22.91 -5.24 -21.86
N GLY A 297 23.47 -6.35 -21.39
CA GLY A 297 24.24 -6.31 -20.18
C GLY A 297 24.15 -7.63 -19.46
N SER A 298 24.57 -7.63 -18.20
CA SER A 298 24.55 -8.85 -17.41
C SER A 298 23.13 -9.29 -17.11
N VAL A 299 22.95 -10.58 -16.90
CA VAL A 299 21.63 -11.18 -16.69
C VAL A 299 21.65 -11.99 -15.41
N LEU A 300 20.72 -11.68 -14.51
CA LEU A 300 20.60 -12.38 -13.23
C LEU A 300 19.29 -13.15 -13.21
N LEU A 301 19.38 -14.47 -13.05
CA LEU A 301 18.21 -15.34 -12.95
C LEU A 301 18.01 -15.80 -11.52
N PHE A 302 16.81 -15.59 -10.99
CA PHE A 302 16.49 -16.04 -9.64
C PHE A 302 15.66 -17.32 -9.62
N VAL A 303 16.05 -18.23 -8.73
CA VAL A 303 15.18 -19.32 -8.30
C VAL A 303 15.17 -19.34 -6.75
N THR A 304 14.31 -20.15 -6.15
CA THR A 304 14.29 -20.25 -4.69
C THR A 304 15.12 -21.41 -4.15
N LYS A 305 14.95 -22.58 -4.77
CA LYS A 305 15.56 -23.83 -4.31
C LYS A 305 16.92 -24.13 -4.92
N LYS A 306 17.85 -24.63 -4.12
CA LYS A 306 19.19 -24.98 -4.57
C LYS A 306 19.14 -25.96 -5.73
N ALA A 307 18.32 -27.00 -5.61
CA ALA A 307 18.19 -28.01 -6.65
C ALA A 307 17.77 -27.41 -7.98
N ASN A 308 16.82 -26.47 -7.93
CA ASN A 308 16.36 -25.81 -9.14
C ASN A 308 17.44 -24.92 -9.74
N ALA A 309 18.19 -24.25 -8.87
CA ALA A 309 19.31 -23.42 -9.30
C ALA A 309 20.29 -24.31 -10.06
N GLU A 310 20.60 -25.43 -9.44
CA GLU A 310 21.54 -26.38 -10.03
C GLU A 310 21.07 -26.91 -11.37
N GLU A 311 19.80 -27.31 -11.46
CA GLU A 311 19.30 -27.87 -12.71
C GLU A 311 19.31 -26.83 -13.83
N LEU A 312 18.85 -25.61 -13.52
CA LEU A 312 18.84 -24.54 -14.50
C LEU A 312 20.25 -24.19 -14.96
N ALA A 313 21.18 -24.06 -14.03
CA ALA A 313 22.54 -23.69 -14.37
C ALA A 313 23.19 -24.76 -15.19
N ASN A 314 22.94 -26.02 -14.85
CA ASN A 314 23.54 -27.12 -15.61
C ASN A 314 23.00 -27.17 -17.03
N ASN A 315 21.69 -26.91 -17.17
CA ASN A 315 21.09 -26.92 -18.49
C ASN A 315 21.60 -25.76 -19.33
N LEU A 316 21.79 -24.59 -18.71
CA LEU A 316 22.33 -23.44 -19.43
C LEU A 316 23.77 -23.71 -19.88
N LYS A 317 24.54 -24.38 -19.02
CA LYS A 317 25.92 -24.71 -19.37
C LYS A 317 25.94 -25.64 -20.58
N GLN A 318 25.10 -26.67 -20.55
CA GLN A 318 25.02 -27.60 -21.66
C GLN A 318 24.54 -26.89 -22.94
N GLU A 319 23.73 -25.85 -22.76
CA GLU A 319 23.23 -25.03 -23.85
C GLU A 319 24.33 -24.15 -24.47
N GLY A 320 25.46 -24.03 -23.78
CA GLY A 320 26.60 -23.30 -24.31
C GLY A 320 26.79 -21.92 -23.71
N HIS A 321 25.97 -21.59 -22.73
CA HIS A 321 26.06 -20.28 -22.12
C HIS A 321 27.22 -20.20 -21.15
N ASN A 322 27.80 -19.02 -21.06
CA ASN A 322 28.88 -18.78 -20.13
C ASN A 322 28.27 -18.18 -18.87
N LEU A 323 28.09 -19.00 -17.85
CA LEU A 323 27.37 -18.51 -16.70
C LEU A 323 28.00 -18.96 -15.40
N GLY A 324 27.56 -18.33 -14.32
CA GLY A 324 27.93 -18.74 -12.98
C GLY A 324 26.70 -19.19 -12.21
N LEU A 325 26.94 -19.87 -11.10
CA LEU A 325 25.92 -20.32 -10.15
C LEU A 325 26.27 -19.81 -8.76
N LEU A 326 25.25 -19.39 -8.02
CA LEU A 326 25.45 -18.93 -6.65
C LEU A 326 24.34 -19.52 -5.79
N HIS A 327 24.71 -20.40 -4.86
CA HIS A 327 23.73 -20.95 -3.92
C HIS A 327 24.27 -20.87 -2.50
N GLY A 328 23.42 -21.21 -1.54
CA GLY A 328 23.70 -20.94 -0.15
C GLY A 328 24.72 -21.86 0.50
N ASP A 329 25.03 -22.97 -0.15
CA ASP A 329 25.96 -23.93 0.43
C ASP A 329 27.38 -23.69 -0.02
N MET A 330 27.59 -22.60 -0.77
CA MET A 330 28.92 -22.22 -1.19
C MET A 330 29.69 -21.57 -0.06
N ASP A 331 30.94 -21.97 0.10
CA ASP A 331 31.81 -21.31 1.08
C ASP A 331 32.08 -19.89 0.59
N GLN A 332 32.72 -19.09 1.44
CA GLN A 332 32.93 -17.68 1.14
C GLN A 332 33.85 -17.44 -0.06
N SER A 333 34.97 -18.14 -0.13
CA SER A 333 35.90 -17.93 -1.25
C SER A 333 35.26 -18.35 -2.57
N GLU A 334 34.56 -19.48 -2.56
CA GLU A 334 33.78 -19.97 -3.69
C GLU A 334 32.79 -18.91 -4.16
N ARG A 335 32.08 -18.36 -3.18
CA ARG A 335 31.11 -17.30 -3.39
C ARG A 335 31.72 -16.03 -3.97
N ASN A 336 32.85 -15.60 -3.42
CA ASN A 336 33.51 -14.37 -3.87
C ASN A 336 34.05 -14.44 -5.30
N LYS A 337 34.44 -15.65 -5.71
CA LYS A 337 34.95 -15.87 -7.07
C LYS A 337 33.83 -15.64 -8.08
N VAL A 338 32.69 -16.27 -7.86
CA VAL A 338 31.54 -16.13 -8.76
C VAL A 338 31.09 -14.67 -8.86
N ILE A 339 30.96 -14.01 -7.71
CA ILE A 339 30.48 -12.64 -7.70
C ILE A 339 31.48 -11.71 -8.38
N SER A 340 32.77 -11.92 -8.13
CA SER A 340 33.81 -11.16 -8.81
C SER A 340 33.77 -11.38 -10.31
N ASP A 341 33.63 -12.62 -10.74
CA ASP A 341 33.55 -12.92 -12.17
C ASP A 341 32.35 -12.21 -12.81
N PHE A 342 31.24 -12.14 -12.08
CA PHE A 342 30.02 -11.50 -12.59
C PHE A 342 30.22 -9.98 -12.67
N LYS A 343 30.83 -9.43 -11.62
CA LYS A 343 31.14 -8.00 -11.58
C LYS A 343 32.09 -7.55 -12.70
N LYS A 344 33.09 -8.36 -12.99
CA LYS A 344 34.08 -7.99 -14.02
C LYS A 344 33.60 -8.39 -15.41
N LYS A 345 32.38 -8.93 -15.49
CA LYS A 345 31.76 -9.34 -16.75
C LYS A 345 32.47 -10.51 -17.42
N ASP A 346 33.21 -11.29 -16.62
CA ASP A 346 33.82 -12.52 -17.10
C ASP A 346 32.73 -13.52 -17.45
N ILE A 347 31.64 -13.50 -16.67
CA ILE A 347 30.45 -14.26 -16.98
C ILE A 347 29.27 -13.29 -17.15
N PRO A 348 28.52 -13.42 -18.24
CA PRO A 348 27.41 -12.50 -18.45
C PRO A 348 26.13 -12.90 -17.75
N VAL A 349 26.05 -14.14 -17.30
CA VAL A 349 24.82 -14.70 -16.78
C VAL A 349 25.07 -15.34 -15.42
N LEU A 350 24.18 -15.11 -14.47
CA LEU A 350 24.30 -15.71 -13.15
C LEU A 350 22.96 -16.27 -12.71
N VAL A 351 22.96 -17.51 -12.25
CA VAL A 351 21.81 -18.13 -11.61
C VAL A 351 22.03 -18.10 -10.11
N ALA A 352 21.07 -17.56 -9.37
CA ALA A 352 21.21 -17.47 -7.91
C ALA A 352 19.93 -17.83 -7.19
N THR A 353 20.09 -18.33 -5.97
CA THR A 353 18.95 -18.46 -5.09
C THR A 353 18.82 -17.20 -4.25
N ASP A 354 17.63 -16.96 -3.71
CA ASP A 354 17.39 -15.78 -2.88
C ASP A 354 18.35 -15.70 -1.71
N VAL A 355 18.53 -16.82 -1.03
CA VAL A 355 19.30 -16.82 0.20
C VAL A 355 20.76 -16.48 -0.07
N ALA A 356 21.24 -16.75 -1.28
CA ALA A 356 22.64 -16.55 -1.59
C ALA A 356 22.96 -15.25 -2.31
N ALA A 357 21.96 -14.40 -2.53
CA ALA A 357 22.14 -13.32 -3.49
C ALA A 357 22.78 -12.04 -2.95
N ARG A 358 23.27 -12.05 -1.72
CA ARG A 358 23.94 -10.86 -1.20
C ARG A 358 25.21 -10.55 -2.03
N GLY A 359 25.41 -9.27 -2.34
CA GLY A 359 26.57 -8.85 -3.11
C GLY A 359 26.30 -8.57 -4.58
N LEU A 360 25.02 -8.66 -4.98
CA LEU A 360 24.67 -8.56 -6.39
C LEU A 360 24.02 -7.23 -6.79
N ASP A 361 24.29 -6.17 -6.02
CA ASP A 361 23.90 -4.84 -6.46
C ASP A 361 24.92 -4.36 -7.49
N ILE A 362 24.84 -4.94 -8.69
CA ILE A 362 25.81 -4.71 -9.75
C ILE A 362 25.21 -3.86 -10.87
N PRO A 363 25.77 -2.66 -11.10
CA PRO A 363 25.22 -1.76 -12.12
C PRO A 363 25.03 -2.38 -13.50
N SER A 364 25.88 -3.33 -13.89
CA SER A 364 25.77 -3.87 -15.24
C SER A 364 24.59 -4.83 -15.40
N ILE A 365 23.90 -5.17 -14.31
CA ILE A 365 22.71 -6.02 -14.42
C ILE A 365 21.55 -5.27 -15.08
N LYS A 366 21.26 -5.62 -16.32
CA LYS A 366 20.22 -4.93 -17.06
C LYS A 366 19.01 -5.83 -17.25
N THR A 367 19.14 -7.09 -16.84
CA THR A 367 18.01 -8.01 -16.85
C THR A 367 17.98 -8.84 -15.58
N VAL A 368 16.86 -8.80 -14.87
CA VAL A 368 16.59 -9.74 -13.78
C VAL A 368 15.44 -10.60 -14.24
N ILE A 369 15.57 -11.92 -14.08
CA ILE A 369 14.50 -12.83 -14.45
C ILE A 369 14.10 -13.65 -13.24
N ASN A 370 12.85 -13.49 -12.83
CA ASN A 370 12.26 -14.33 -11.79
C ASN A 370 11.80 -15.60 -12.46
N TYR A 371 12.70 -16.58 -12.50
CA TYR A 371 12.44 -17.80 -13.24
C TYR A 371 11.45 -18.69 -12.47
N ASP A 372 11.76 -18.89 -11.20
CA ASP A 372 10.85 -19.52 -10.26
C ASP A 372 10.22 -18.42 -9.43
N VAL A 373 8.96 -18.61 -9.09
CA VAL A 373 8.20 -17.58 -8.40
C VAL A 373 8.76 -17.32 -6.99
N ALA A 374 8.86 -16.05 -6.60
CA ALA A 374 9.30 -15.70 -5.25
C ALA A 374 8.32 -16.23 -4.20
N ARG A 375 8.84 -16.52 -3.00
CA ARG A 375 8.02 -17.03 -1.90
C ARG A 375 6.91 -16.05 -1.53
N ASP A 376 7.24 -14.77 -1.63
CA ASP A 376 6.30 -13.71 -1.30
C ASP A 376 6.66 -12.41 -2.00
N ILE A 377 5.83 -11.41 -1.81
CA ILE A 377 6.01 -10.19 -2.58
C ILE A 377 7.18 -9.37 -2.02
N ASP A 378 7.45 -9.49 -0.72
CA ASP A 378 8.64 -8.86 -0.14
C ASP A 378 9.93 -9.35 -0.85
N THR A 379 10.02 -10.66 -1.05
CA THR A 379 11.14 -11.27 -1.74
C THR A 379 11.19 -10.84 -3.20
N HIS A 380 10.01 -10.77 -3.83
CA HIS A 380 9.91 -10.29 -5.21
C HIS A 380 10.55 -8.91 -5.33
N THR A 381 10.14 -8.00 -4.46
CA THR A 381 10.65 -6.64 -4.47
C THR A 381 12.17 -6.61 -4.25
N HIS A 382 12.66 -7.44 -3.35
CA HIS A 382 14.09 -7.51 -3.10
C HIS A 382 14.84 -7.98 -4.36
N ARG A 383 14.27 -8.95 -5.06
CA ARG A 383 14.88 -9.45 -6.29
C ARG A 383 14.98 -8.39 -7.37
N ILE A 384 13.86 -7.75 -7.67
CA ILE A 384 13.86 -6.86 -8.81
C ILE A 384 14.62 -5.57 -8.49
N GLY A 385 14.86 -5.31 -7.22
CA GLY A 385 15.73 -4.20 -6.84
C GLY A 385 17.15 -4.31 -7.37
N ARG A 386 17.58 -5.50 -7.77
CA ARG A 386 18.92 -5.67 -8.34
C ARG A 386 19.04 -5.09 -9.74
N THR A 387 17.90 -4.83 -10.39
CA THR A 387 17.93 -4.34 -11.77
C THR A 387 18.42 -2.92 -11.84
N GLY A 388 18.97 -2.57 -12.99
CA GLY A 388 19.44 -1.23 -13.24
C GLY A 388 18.34 -0.23 -13.48
N ARG A 389 17.88 0.41 -12.41
CA ARG A 389 17.40 1.78 -12.49
C ARG A 389 18.19 2.49 -11.40
N ALA A 390 19.10 1.73 -10.82
CA ALA A 390 20.31 2.31 -10.23
C ALA A 390 21.02 2.98 -11.41
N GLY A 391 20.81 2.38 -12.59
CA GLY A 391 21.09 2.99 -13.87
C GLY A 391 20.11 2.41 -14.88
N GLU A 392 19.05 3.15 -15.19
CA GLU A 392 17.95 2.64 -16.03
C GLU A 392 18.41 2.23 -17.42
N LYS A 393 17.58 1.41 -18.07
CA LYS A 393 17.86 0.56 -19.25
C LYS A 393 17.57 -0.87 -18.84
N GLY A 394 17.27 -1.06 -17.56
CA GLY A 394 17.13 -2.38 -16.98
C GLY A 394 15.69 -2.80 -16.78
N VAL A 395 15.43 -4.10 -16.94
CA VAL A 395 14.09 -4.63 -16.91
C VAL A 395 14.05 -5.88 -16.06
N ALA A 396 12.96 -6.10 -15.34
CA ALA A 396 12.77 -7.32 -14.55
C ALA A 396 11.62 -8.11 -15.13
N TYR A 397 11.92 -9.30 -15.65
CA TYR A 397 10.89 -10.23 -16.14
C TYR A 397 10.45 -11.19 -15.05
N THR A 398 9.15 -11.47 -14.98
CA THR A 398 8.61 -12.46 -14.05
C THR A 398 7.84 -13.50 -14.84
N LEU A 399 8.17 -14.78 -14.62
CA LEU A 399 7.52 -15.86 -15.34
C LEU A 399 6.52 -16.55 -14.42
N LEU A 400 5.25 -16.53 -14.82
CA LEU A 400 4.20 -17.19 -14.04
C LEU A 400 3.60 -18.32 -14.87
N THR A 401 2.93 -19.24 -14.20
CA THR A 401 2.15 -20.26 -14.89
C THR A 401 0.76 -20.27 -14.26
N PRO A 402 -0.19 -21.03 -14.83
CA PRO A 402 -1.54 -20.96 -14.25
C PRO A 402 -1.61 -21.48 -12.82
N LYS A 403 -0.55 -22.05 -12.28
CA LYS A 403 -0.61 -22.46 -10.88
C LYS A 403 -0.24 -21.33 -9.90
N ASP A 404 0.10 -20.15 -10.44
CA ASP A 404 0.54 -19.03 -9.61
C ASP A 404 -0.52 -17.96 -9.36
N SER A 405 -1.81 -18.32 -9.37
CA SER A 405 -2.86 -17.32 -9.30
C SER A 405 -2.87 -16.54 -7.97
N ASN A 406 -2.56 -17.19 -6.84
CA ASN A 406 -2.51 -16.40 -5.60
C ASN A 406 -1.40 -15.35 -5.63
N PHE A 407 -0.20 -15.75 -6.01
CA PHE A 407 0.90 -14.79 -6.14
C PHE A 407 0.55 -13.71 -7.15
N ALA A 408 -0.12 -14.10 -8.22
CA ALA A 408 -0.53 -13.13 -9.25
C ALA A 408 -1.34 -11.98 -8.67
N GLY A 409 -2.26 -12.27 -7.76
CA GLY A 409 -2.99 -11.20 -7.10
C GLY A 409 -2.09 -10.23 -6.35
N ASP A 410 -1.13 -10.76 -5.60
CA ASP A 410 -0.21 -9.92 -4.89
C ASP A 410 0.66 -9.13 -5.87
N LEU A 411 1.02 -9.77 -6.98
CA LEU A 411 1.85 -9.10 -7.99
C LEU A 411 1.07 -7.98 -8.66
N VAL A 412 -0.20 -8.23 -8.99
CA VAL A 412 -1.04 -7.16 -9.57
C VAL A 412 -1.02 -5.95 -8.65
N ARG A 413 -1.22 -6.15 -7.36
CA ARG A 413 -1.28 -5.04 -6.43
C ARG A 413 0.08 -4.35 -6.33
N ASN A 414 1.15 -5.14 -6.39
CA ASN A 414 2.48 -4.53 -6.40
C ASN A 414 2.70 -3.68 -7.65
N LEU A 415 2.29 -4.20 -8.80
CA LEU A 415 2.49 -3.48 -10.06
C LEU A 415 1.68 -2.18 -10.02
N GLU A 416 0.45 -2.27 -9.53
CA GLU A 416 -0.40 -1.08 -9.50
C GLU A 416 0.16 0.00 -8.59
N GLY A 417 0.73 -0.39 -7.45
CA GLY A 417 1.36 0.57 -6.55
C GLY A 417 2.60 1.22 -7.16
N ALA A 418 3.18 0.57 -8.16
CA ALA A 418 4.37 1.06 -8.87
C ALA A 418 4.05 1.65 -10.22
N ASN A 419 2.77 1.83 -10.51
CA ASN A 419 2.30 2.34 -11.79
C ASN A 419 2.91 1.60 -12.98
N GLN A 420 3.02 0.29 -12.82
CA GLN A 420 3.47 -0.63 -13.85
C GLN A 420 2.30 -1.31 -14.53
N HIS A 421 2.54 -1.82 -15.72
CA HIS A 421 1.52 -2.44 -16.54
C HIS A 421 1.00 -3.73 -15.93
N VAL A 422 -0.32 -3.85 -15.89
CA VAL A 422 -1.00 -5.10 -15.56
C VAL A 422 -1.69 -5.59 -16.83
N SER A 423 -1.14 -6.63 -17.45
CA SER A 423 -1.74 -7.18 -18.66
C SER A 423 -3.11 -7.77 -18.35
N LYS A 424 -3.92 -7.95 -19.40
CA LYS A 424 -5.22 -8.59 -19.24
C LYS A 424 -5.04 -10.02 -18.73
N GLU A 425 -4.06 -10.72 -19.30
CA GLU A 425 -3.76 -12.11 -18.92
C GLU A 425 -3.45 -12.21 -17.42
N LEU A 426 -2.57 -11.33 -16.94
CA LEU A 426 -2.23 -11.32 -15.52
C LEU A 426 -3.44 -11.02 -14.64
N LEU A 427 -4.22 -10.01 -15.01
CA LEU A 427 -5.41 -9.67 -14.22
C LEU A 427 -6.39 -10.84 -14.20
N ASP A 428 -6.61 -11.47 -15.34
CA ASP A 428 -7.53 -12.59 -15.43
C ASP A 428 -7.09 -13.72 -14.50
N LEU A 429 -5.79 -14.00 -14.50
CA LEU A 429 -5.23 -15.01 -13.62
C LEU A 429 -5.49 -14.68 -12.15
N ALA A 430 -5.23 -13.44 -11.75
CA ALA A 430 -5.45 -13.03 -10.38
C ALA A 430 -6.93 -13.12 -9.98
N MET A 431 -7.80 -12.81 -10.94
CA MET A 431 -9.23 -12.74 -10.69
C MET A 431 -9.88 -14.12 -10.56
N GLN A 432 -9.07 -15.18 -10.67
CA GLN A 432 -9.60 -16.52 -10.50
C GLN A 432 -10.02 -16.82 -9.08
N ASN A 433 -9.42 -16.10 -8.13
CA ASN A 433 -9.63 -16.39 -6.72
C ASN A 433 -10.59 -15.40 -6.08
N ALA A 434 -11.57 -15.92 -5.35
CA ALA A 434 -12.62 -15.08 -4.80
C ALA A 434 -12.09 -14.02 -3.86
N TRP A 435 -11.07 -14.34 -3.07
CA TRP A 435 -10.57 -13.39 -2.09
C TRP A 435 -9.95 -12.16 -2.77
N PHE A 436 -9.45 -12.35 -3.98
CA PHE A 436 -8.97 -11.24 -4.80
C PHE A 436 -10.15 -10.58 -5.49
N ARG A 437 -10.93 -11.41 -6.19
CA ARG A 437 -11.96 -10.95 -7.14
C ARG A 437 -13.03 -10.09 -6.48
N LYS A 438 -13.28 -10.36 -5.21
CA LYS A 438 -14.27 -9.61 -4.45
C LYS A 438 -13.62 -8.41 -3.77
N SER A 439 -12.71 -8.69 -2.83
CA SER A 439 -12.05 -7.64 -2.02
C SER A 439 -11.51 -6.53 -2.91
N ARG A 440 -11.12 -6.91 -4.13
CA ARG A 440 -10.87 -5.98 -5.22
C ARG A 440 -11.80 -4.76 -5.19
N PHE A 441 -11.19 -3.57 -5.04
CA PHE A 441 -11.90 -2.29 -4.94
C PHE A 441 -13.10 -2.18 -5.90
#